data_3P0Q
#
_entry.id   3P0Q
#
_cell.length_a   91.015
_cell.length_b   97.698
_cell.length_c   118.885
_cell.angle_alpha   90.00
_cell.angle_beta   90.00
_cell.angle_gamma   90.00
#
_symmetry.space_group_name_H-M   'C 2 2 21'
#
loop_
_entity.id
_entity.type
_entity.pdbx_description
1 polymer Tankyrase-2
2 non-polymer 'ZINC ION'
3 non-polymer N-[2-(4-chlorophenyl)ethyl]-6-methyl[1,2,4]triazolo[4,3-b]pyridazin-8-amine
4 non-polymer 'SULFATE ION'
5 non-polymer 'SODIUM ION'
6 water water
#
_entity_poly.entity_id   1
_entity_poly.type   'polypeptide(L)'
_entity_poly.pdbx_seq_one_letter_code
;MHHHHHHSSGVDLGTENLYFQSMLNTSGSGTILIDLSPDDKEFQSVEEEMQSTVREHRDGGHAGGIFNRYNILKIQKVCN
KKLWERYTHRRKEVSEENHNHANERMLFHGSPFVNAIIHKGFDERHAYIGGMFGAGIYFAENSSKSNQYVYGIGGGTGCP
VHKDRSCYICHRQLLFCRVTLGKSFLQFSAMKMAHSPPGHHSVTGRPSVNGLALAEYVIYRGEQAYPEYLITYQIMRPEG
;
_entity_poly.pdbx_strand_id   A,C
#
loop_
_chem_comp.id
_chem_comp.type
_chem_comp.name
_chem_comp.formula
NA non-polymer 'SODIUM ION' 'Na 1'
NNL non-polymer N-[2-(4-chlorophenyl)ethyl]-6-methyl[1,2,4]triazolo[4,3-b]pyridazin-8-amine 'C14 H14 Cl N5'
SO4 non-polymer 'SULFATE ION' 'O4 S -2'
ZN non-polymer 'ZINC ION' 'Zn 2'
#
# COMPACT_ATOMS: atom_id res chain seq x y z
N GLY A 30 30.82 -21.02 -4.75
CA GLY A 30 31.90 -20.11 -5.17
C GLY A 30 31.90 -18.82 -4.37
N THR A 31 31.00 -18.66 -3.40
CA THR A 31 30.95 -17.38 -2.70
C THR A 31 31.93 -17.33 -1.57
N ILE A 32 32.66 -16.22 -1.49
CA ILE A 32 33.47 -15.93 -0.36
C ILE A 32 33.00 -14.60 0.27
N LEU A 33 33.02 -14.52 1.60
CA LEU A 33 32.65 -13.31 2.32
C LEU A 33 33.87 -12.70 2.98
N ILE A 34 34.17 -11.46 2.63
CA ILE A 34 35.30 -10.73 3.22
C ILE A 34 34.83 -9.66 4.17
N ASP A 35 35.24 -9.76 5.43
CA ASP A 35 34.92 -8.72 6.43
C ASP A 35 35.58 -7.41 6.16
N LEU A 36 34.81 -6.34 6.29
CA LEU A 36 35.39 -5.03 6.16
C LEU A 36 35.66 -4.53 7.53
N SER A 37 36.78 -3.84 7.65
CA SER A 37 37.12 -3.21 8.92
C SER A 37 36.26 -1.98 9.14
N PRO A 38 35.85 -1.70 10.38
CA PRO A 38 35.17 -0.43 10.63
C PRO A 38 36.00 0.81 10.31
N ASP A 39 37.32 0.65 10.21
CA ASP A 39 38.21 1.74 9.84
C ASP A 39 38.28 1.98 8.34
N ASP A 40 37.71 1.11 7.54
CA ASP A 40 37.80 1.15 6.09
C ASP A 40 36.75 2.12 5.59
N LYS A 41 37.14 2.98 4.65
CA LYS A 41 36.20 3.97 4.13
C LYS A 41 34.99 3.33 3.45
N GLU A 42 35.15 2.09 3.01
CA GLU A 42 34.10 1.36 2.33
C GLU A 42 33.04 0.89 3.35
N PHE A 43 33.49 0.45 4.52
CA PHE A 43 32.60 0.10 5.62
C PHE A 43 31.83 1.35 6.00
N GLN A 44 32.55 2.44 6.13
CA GLN A 44 31.94 3.66 6.61
C GLN A 44 30.90 4.22 5.65
N SER A 45 31.16 4.18 4.35
CA SER A 45 30.20 4.70 3.40
C SER A 45 28.93 3.81 3.30
N VAL A 46 29.07 2.49 3.42
CA VAL A 46 27.94 1.55 3.48
C VAL A 46 27.12 1.72 4.77
N GLU A 47 27.79 1.92 5.92
CA GLU A 47 27.07 2.16 7.17
C GLU A 47 26.30 3.45 7.06
N GLU A 48 26.92 4.51 6.52
CA GLU A 48 26.22 5.77 6.42
C GLU A 48 24.92 5.66 5.57
N GLU A 49 24.97 4.92 4.45
CA GLU A 49 23.76 4.69 3.67
C GLU A 49 22.70 3.96 4.42
N MET A 50 23.09 2.92 5.15
CA MET A 50 22.19 2.22 6.07
C MET A 50 21.51 3.14 7.11
N GLN A 51 22.26 3.95 7.82
CA GLN A 51 21.70 4.72 8.94
C GLN A 51 20.94 5.89 8.44
N SER A 52 21.42 6.54 7.38
CA SER A 52 20.83 7.80 6.95
C SER A 52 19.52 7.62 6.18
N THR A 53 19.20 6.40 5.78
CA THR A 53 17.96 6.13 5.01
C THR A 53 16.91 5.42 5.87
N VAL A 54 17.10 5.40 7.18
CA VAL A 54 16.00 5.02 8.11
C VAL A 54 14.89 6.09 8.08
N ARG A 55 13.65 5.65 7.95
CA ARG A 55 12.49 6.56 8.13
C ARG A 55 11.48 5.91 9.04
N GLU A 56 10.47 6.69 9.46
CA GLU A 56 9.30 6.12 10.13
C GLU A 56 8.36 5.53 9.05
N HIS A 57 7.65 4.50 9.46
CA HIS A 57 6.79 3.72 8.61
C HIS A 57 5.36 3.84 9.04
N ARG A 58 4.44 3.68 8.09
CA ARG A 58 3.01 3.98 8.35
C ARG A 58 2.35 2.93 9.24
N ASP A 59 3.03 1.79 9.40
CA ASP A 59 2.58 0.77 10.33
C ASP A 59 2.95 0.93 11.79
N GLY A 60 3.51 2.08 12.13
CA GLY A 60 3.96 2.38 13.48
C GLY A 60 5.05 1.46 14.01
N GLY A 61 5.71 0.73 13.11
CA GLY A 61 6.69 -0.28 13.49
C GLY A 61 6.25 -1.73 13.51
N HIS A 62 5.01 -1.99 13.08
CA HIS A 62 4.46 -3.31 13.16
C HIS A 62 5.33 -4.35 12.46
N ALA A 63 5.72 -4.09 11.20
CA ALA A 63 6.43 -5.06 10.42
C ALA A 63 7.89 -5.17 10.83
N GLY A 64 8.58 -4.04 11.00
CA GLY A 64 10.04 -4.03 11.12
C GLY A 64 10.55 -3.72 12.49
N GLY A 65 9.66 -3.32 13.39
CA GLY A 65 10.07 -2.80 14.68
C GLY A 65 10.15 -1.31 14.86
N ILE A 66 10.31 -0.90 16.13
CA ILE A 66 10.41 0.53 16.44
C ILE A 66 11.87 0.86 16.66
N PHE A 67 12.40 1.80 15.86
CA PHE A 67 13.81 2.20 15.96
C PHE A 67 14.07 3.43 15.07
N ASN A 68 15.10 4.20 15.41
CA ASN A 68 15.55 5.29 14.61
C ASN A 68 16.91 5.06 13.99
N ARG A 69 17.60 4.01 14.43
CA ARG A 69 18.92 3.74 13.98
C ARG A 69 19.28 2.30 14.32
N TYR A 70 20.40 1.86 13.73
CA TYR A 70 20.90 0.51 13.90
C TYR A 70 22.21 0.42 14.68
N ASN A 71 22.45 -0.73 15.27
CA ASN A 71 23.79 -1.12 15.71
C ASN A 71 24.38 -2.04 14.63
N ILE A 72 25.35 -1.55 13.85
CA ILE A 72 25.93 -2.36 12.79
C ILE A 72 26.98 -3.25 13.43
N LEU A 73 26.84 -4.54 13.23
CA LEU A 73 27.69 -5.53 13.86
C LEU A 73 28.81 -5.94 12.88
N LYS A 74 28.46 -6.07 11.60
CA LYS A 74 29.41 -6.55 10.62
C LYS A 74 28.98 -6.12 9.22
N ILE A 75 29.96 -5.76 8.36
CA ILE A 75 29.68 -5.58 6.93
C ILE A 75 30.69 -6.43 6.19
N GLN A 76 30.18 -7.38 5.43
CA GLN A 76 30.96 -8.24 4.55
C GLN A 76 30.73 -8.00 3.05
N LYS A 77 31.82 -7.98 2.28
CA LYS A 77 31.74 -7.97 0.84
C LYS A 77 31.53 -9.37 0.31
N VAL A 78 30.62 -9.51 -0.64
CA VAL A 78 30.22 -10.76 -1.18
C VAL A 78 30.91 -10.91 -2.51
N CYS A 79 31.75 -11.93 -2.64
CA CYS A 79 32.56 -12.13 -3.84
C CYS A 79 32.21 -13.47 -4.44
N ASN A 80 31.68 -13.44 -5.66
CA ASN A 80 31.39 -14.64 -6.42
C ASN A 80 31.58 -14.32 -7.89
N LYS A 81 32.61 -14.88 -8.47
CA LYS A 81 32.96 -14.56 -9.85
C LYS A 81 31.85 -14.95 -10.84
N LYS A 82 31.27 -16.15 -10.72
CA LYS A 82 30.20 -16.54 -11.61
C LYS A 82 28.97 -15.60 -11.53
N LEU A 83 28.55 -15.27 -10.30
CA LEU A 83 27.40 -14.40 -10.11
C LEU A 83 27.72 -12.97 -10.62
N TRP A 84 28.94 -12.48 -10.43
CA TRP A 84 29.33 -11.16 -10.90
C TRP A 84 29.29 -11.11 -12.42
N GLU A 85 29.79 -12.15 -13.05
CA GLU A 85 29.84 -12.20 -14.50
C GLU A 85 28.47 -12.30 -15.11
N ARG A 86 27.59 -13.08 -14.49
CA ARG A 86 26.19 -13.09 -14.83
C ARG A 86 25.55 -11.68 -14.73
N TYR A 87 25.84 -10.97 -13.63
CA TYR A 87 25.38 -9.57 -13.50
C TYR A 87 25.91 -8.66 -14.62
N THR A 88 27.22 -8.64 -14.81
CA THR A 88 27.80 -7.73 -15.82
C THR A 88 27.40 -8.07 -17.27
N HIS A 89 27.11 -9.34 -17.57
CA HIS A 89 26.65 -9.71 -18.91
C HIS A 89 25.28 -9.04 -19.19
N ARG A 90 24.38 -9.15 -18.22
CA ARG A 90 23.02 -8.60 -18.34
C ARG A 90 23.09 -7.09 -18.34
N ARG A 91 23.98 -6.54 -17.52
CA ARG A 91 24.16 -5.10 -17.44
C ARG A 91 24.54 -4.50 -18.83
N LYS A 92 25.49 -5.16 -19.50
CA LYS A 92 25.87 -4.74 -20.85
C LYS A 92 24.69 -4.84 -21.83
N GLU A 93 23.91 -5.90 -21.76
CA GLU A 93 22.75 -5.99 -22.63
C GLU A 93 21.76 -4.84 -22.40
N VAL A 94 21.47 -4.55 -21.13
CA VAL A 94 20.58 -3.44 -20.80
C VAL A 94 21.13 -2.12 -21.29
N SER A 95 22.41 -1.88 -21.00
CA SER A 95 23.12 -0.69 -21.41
C SER A 95 22.98 -0.44 -22.94
N GLU A 96 23.19 -1.50 -23.72
CA GLU A 96 23.14 -1.35 -25.15
C GLU A 96 21.74 -1.12 -25.68
N GLU A 97 20.71 -1.52 -24.92
CA GLU A 97 19.32 -1.21 -25.23
C GLU A 97 18.86 0.17 -24.71
N ASN A 98 19.75 0.91 -24.03
CA ASN A 98 19.30 2.16 -23.38
C ASN A 98 20.41 3.17 -23.50
N HIS A 99 20.80 3.45 -24.74
CA HIS A 99 21.82 4.46 -25.05
C HIS A 99 23.06 4.40 -24.15
N ASN A 100 23.55 3.18 -23.96
CA ASN A 100 24.75 2.91 -23.15
C ASN A 100 24.62 3.37 -21.71
N HIS A 101 23.45 3.18 -21.14
CA HIS A 101 23.15 3.61 -19.77
C HIS A 101 22.43 2.50 -19.02
N ALA A 102 23.17 1.83 -18.13
CA ALA A 102 22.63 0.73 -17.33
C ALA A 102 21.66 1.24 -16.28
N ASN A 103 21.84 2.47 -15.88
CA ASN A 103 21.06 3.11 -14.79
C ASN A 103 21.19 2.26 -13.53
N GLU A 104 22.45 2.11 -13.10
CA GLU A 104 22.80 1.28 -12.00
C GLU A 104 22.67 2.02 -10.68
N ARG A 105 22.01 1.37 -9.73
CA ARG A 105 21.82 1.90 -8.40
C ARG A 105 22.40 0.95 -7.32
N MET A 106 22.68 1.50 -6.14
CA MET A 106 22.90 0.69 -4.93
C MET A 106 21.66 0.77 -4.03
N LEU A 107 21.01 -0.37 -3.81
CA LEU A 107 19.72 -0.42 -3.12
C LEU A 107 19.70 -1.55 -2.13
N PHE A 108 18.83 -1.44 -1.15
CA PHE A 108 18.69 -2.47 -0.10
C PHE A 108 17.69 -3.52 -0.47
N HIS A 109 17.96 -4.75 -0.01
CA HIS A 109 17.05 -5.88 -0.11
C HIS A 109 17.01 -6.61 1.22
N GLY A 110 15.79 -6.92 1.67
CA GLY A 110 15.53 -7.65 2.92
C GLY A 110 14.80 -8.91 2.59
N SER A 111 15.26 -10.04 3.12
CA SER A 111 14.64 -11.33 2.82
C SER A 111 15.05 -12.39 3.83
N PRO A 112 14.15 -13.32 4.12
CA PRO A 112 14.60 -14.45 4.94
C PRO A 112 15.54 -15.35 4.14
N PHE A 113 15.68 -15.13 2.82
CA PHE A 113 16.47 -16.00 1.96
C PHE A 113 17.86 -15.43 1.62
N VAL A 114 18.36 -14.52 2.45
CA VAL A 114 19.67 -13.89 2.23
C VAL A 114 20.78 -14.91 2.05
N ASN A 115 20.73 -16.02 2.79
CA ASN A 115 21.78 -17.06 2.64
C ASN A 115 21.76 -17.72 1.28
N ALA A 116 20.59 -18.06 0.73
CA ALA A 116 20.52 -18.59 -0.63
C ALA A 116 20.96 -17.57 -1.68
N ILE A 117 20.61 -16.30 -1.44
CA ILE A 117 20.90 -15.26 -2.42
C ILE A 117 22.38 -15.07 -2.56
N ILE A 118 23.10 -15.03 -1.46
CA ILE A 118 24.51 -14.73 -1.57
C ILE A 118 25.32 -15.92 -2.15
N HIS A 119 24.80 -17.13 -2.04
CA HIS A 119 25.44 -18.35 -2.59
C HIS A 119 25.02 -18.69 -4.01
N LYS A 120 23.76 -18.47 -4.37
CA LYS A 120 23.27 -18.88 -5.70
C LYS A 120 22.74 -17.78 -6.59
N GLY A 121 22.67 -16.55 -6.08
CA GLY A 121 22.19 -15.40 -6.88
C GLY A 121 20.71 -15.18 -6.67
N PHE A 122 20.21 -14.03 -7.11
CA PHE A 122 18.78 -13.82 -7.15
C PHE A 122 18.15 -14.66 -8.26
N ASP A 123 16.99 -15.21 -7.97
CA ASP A 123 16.21 -15.91 -8.98
C ASP A 123 14.72 -15.85 -8.61
N GLU A 124 13.88 -16.49 -9.43
CA GLU A 124 12.42 -16.58 -9.16
C GLU A 124 11.99 -16.92 -7.73
N ARG A 125 12.72 -17.75 -7.01
CA ARG A 125 12.39 -18.09 -5.63
C ARG A 125 12.49 -16.92 -4.66
N HIS A 126 13.10 -15.80 -5.10
CA HIS A 126 13.26 -14.60 -4.27
C HIS A 126 12.28 -13.48 -4.62
N ALA A 127 11.39 -13.77 -5.57
CA ALA A 127 10.35 -12.85 -5.99
C ALA A 127 9.30 -12.72 -4.92
N TYR A 128 8.70 -11.55 -4.82
CA TYR A 128 7.55 -11.29 -3.96
C TYR A 128 6.32 -11.41 -4.87
N ILE A 129 5.70 -12.60 -4.87
CA ILE A 129 4.62 -12.89 -5.81
C ILE A 129 3.48 -11.88 -5.64
N GLY A 130 3.20 -11.48 -4.41
CA GLY A 130 2.10 -10.54 -4.16
C GLY A 130 2.43 -9.05 -4.12
N GLY A 131 3.58 -8.64 -4.63
CA GLY A 131 3.92 -7.22 -4.54
C GLY A 131 3.03 -6.29 -5.37
N MET A 132 3.04 -5.01 -5.02
CA MET A 132 2.17 -3.99 -5.69
C MET A 132 2.44 -3.85 -7.19
N PHE A 133 3.63 -4.29 -7.63
CA PHE A 133 4.05 -4.15 -9.03
C PHE A 133 4.24 -5.50 -9.61
N GLY A 134 3.59 -6.49 -9.00
CA GLY A 134 3.57 -7.83 -9.52
C GLY A 134 4.76 -8.66 -9.05
N ALA A 135 4.83 -9.88 -9.56
CA ALA A 135 5.79 -10.85 -9.07
C ALA A 135 7.19 -10.48 -9.54
N GLY A 136 7.95 -9.81 -8.70
CA GLY A 136 9.32 -9.47 -9.03
C GLY A 136 10.18 -9.42 -7.79
N ILE A 137 11.43 -9.02 -7.97
CA ILE A 137 12.36 -8.87 -6.90
C ILE A 137 12.43 -7.37 -6.56
N TYR A 138 12.09 -7.06 -5.31
CA TYR A 138 11.89 -5.73 -4.84
C TYR A 138 13.13 -5.24 -4.07
N PHE A 139 13.45 -3.97 -4.29
CA PHE A 139 14.56 -3.24 -3.62
C PHE A 139 14.09 -1.90 -3.13
N ALA A 140 14.78 -1.30 -2.17
CA ALA A 140 14.36 -0.03 -1.59
C ALA A 140 15.55 0.87 -1.36
N GLU A 141 15.33 2.19 -1.52
CA GLU A 141 16.30 3.23 -1.08
C GLU A 141 16.34 3.35 0.42
N ASN A 142 15.19 3.22 1.07
CA ASN A 142 15.14 3.25 2.54
C ASN A 142 15.54 1.90 3.15
N SER A 143 16.68 1.83 3.85
CA SER A 143 17.05 0.58 4.49
C SER A 143 15.92 0.06 5.44
N SER A 144 15.21 0.98 6.09
CA SER A 144 14.14 0.59 7.00
C SER A 144 12.95 -0.05 6.29
N LYS A 145 12.75 0.26 5.00
CA LYS A 145 11.77 -0.53 4.21
C LYS A 145 12.21 -1.98 4.06
N SER A 146 13.44 -2.17 3.58
CA SER A 146 13.98 -3.54 3.49
C SER A 146 13.95 -4.28 4.85
N ASN A 147 14.21 -3.58 5.93
CA ASN A 147 14.17 -4.19 7.27
C ASN A 147 12.80 -4.84 7.60
N GLN A 148 11.72 -4.29 7.04
CA GLN A 148 10.38 -4.86 7.21
C GLN A 148 10.21 -6.26 6.63
N TYR A 149 11.14 -6.69 5.78
CA TYR A 149 11.04 -7.96 5.08
C TYR A 149 12.06 -9.02 5.50
N VAL A 150 12.95 -8.67 6.41
CA VAL A 150 13.99 -9.63 6.86
C VAL A 150 13.38 -10.91 7.44
N TYR A 151 12.27 -10.79 8.17
CA TYR A 151 11.61 -11.97 8.79
C TYR A 151 10.38 -12.48 8.01
N GLY A 152 10.20 -11.94 6.81
CA GLY A 152 9.14 -12.37 5.91
C GLY A 152 8.27 -11.20 5.48
N ILE A 153 7.26 -11.49 4.67
CA ILE A 153 6.31 -10.47 4.23
C ILE A 153 5.61 -9.95 5.47
N GLY A 154 5.54 -8.66 5.62
CA GLY A 154 4.91 -8.06 6.77
C GLY A 154 5.67 -8.30 8.09
N GLY A 155 6.94 -8.71 7.99
CA GLY A 155 7.73 -9.06 9.15
C GLY A 155 7.49 -10.48 9.66
N GLY A 156 6.60 -11.22 9.00
CA GLY A 156 6.31 -12.62 9.31
C GLY A 156 5.87 -12.70 10.76
N THR A 157 6.43 -13.64 11.50
CA THR A 157 6.19 -13.73 12.95
C THR A 157 7.36 -13.19 13.76
N GLY A 158 8.19 -12.35 13.13
CA GLY A 158 9.34 -11.80 13.81
C GLY A 158 10.50 -12.76 13.92
N CYS A 159 11.41 -12.46 14.84
CA CYS A 159 12.61 -13.26 14.98
C CYS A 159 12.28 -14.72 15.29
N PRO A 160 13.07 -15.66 14.77
CA PRO A 160 12.75 -17.03 15.13
C PRO A 160 12.87 -17.39 16.63
N VAL A 161 13.69 -16.67 17.39
CA VAL A 161 13.96 -17.04 18.78
C VAL A 161 12.91 -16.51 19.74
N HIS A 162 12.52 -15.26 19.55
CA HIS A 162 11.53 -14.63 20.45
C HIS A 162 10.16 -14.34 19.81
N LYS A 163 10.01 -14.63 18.52
CA LYS A 163 8.79 -14.28 17.75
C LYS A 163 8.38 -12.82 17.91
N ASP A 164 9.39 -11.94 17.86
CA ASP A 164 9.24 -10.53 18.08
C ASP A 164 9.68 -9.71 16.82
N ARG A 165 8.74 -9.06 16.13
CA ARG A 165 9.09 -8.28 14.92
C ARG A 165 9.91 -7.07 15.30
N SER A 166 9.85 -6.65 16.56
CA SER A 166 10.65 -5.57 17.06
C SER A 166 11.80 -6.08 17.95
N CYS A 167 12.26 -7.30 17.74
CA CYS A 167 13.35 -7.80 18.61
C CYS A 167 14.57 -6.91 18.54
N TYR A 168 15.08 -6.54 19.71
CA TYR A 168 16.31 -5.73 19.80
C TYR A 168 17.57 -6.56 20.14
N ILE A 169 17.39 -7.84 20.33
CA ILE A 169 18.48 -8.77 20.69
C ILE A 169 19.00 -9.52 19.45
N CYS A 170 18.09 -10.08 18.69
CA CYS A 170 18.46 -10.95 17.58
C CYS A 170 19.15 -10.17 16.41
N HIS A 171 20.21 -10.79 15.86
CA HIS A 171 20.96 -10.26 14.70
C HIS A 171 20.17 -10.43 13.43
N ARG A 172 20.04 -9.34 12.69
CA ARG A 172 19.36 -9.31 11.44
C ARG A 172 20.36 -9.10 10.32
N GLN A 173 19.99 -9.47 9.10
CA GLN A 173 20.84 -9.22 7.93
C GLN A 173 20.07 -8.59 6.77
N LEU A 174 20.71 -7.66 6.07
CA LEU A 174 20.15 -7.04 4.88
C LEU A 174 21.26 -7.15 3.82
N LEU A 175 20.87 -7.09 2.55
CA LEU A 175 21.81 -6.97 1.45
C LEU A 175 21.79 -5.54 0.95
N PHE A 176 22.98 -4.99 0.64
CA PHE A 176 23.08 -3.71 -0.13
C PHE A 176 23.63 -4.08 -1.51
N CYS A 177 22.81 -3.88 -2.53
CA CYS A 177 22.95 -4.56 -3.81
C CYS A 177 23.17 -3.63 -4.96
N ARG A 178 23.91 -4.08 -5.95
CA ARG A 178 24.06 -3.36 -7.18
C ARG A 178 22.98 -3.80 -8.11
N VAL A 179 22.14 -2.84 -8.54
CA VAL A 179 20.94 -3.15 -9.33
C VAL A 179 20.88 -2.37 -10.64
N THR A 180 20.68 -3.06 -11.75
CA THR A 180 20.55 -2.41 -13.05
C THR A 180 19.09 -2.13 -13.30
N LEU A 181 18.73 -0.86 -13.44
CA LEU A 181 17.32 -0.50 -13.69
C LEU A 181 17.02 -0.32 -15.18
N GLY A 182 18.02 0.07 -15.96
CA GLY A 182 17.81 0.37 -17.37
C GLY A 182 16.71 1.41 -17.50
N LYS A 183 15.88 1.28 -18.51
CA LYS A 183 14.73 2.10 -18.68
C LYS A 183 13.66 1.63 -17.72
N SER A 184 13.33 2.47 -16.75
CA SER A 184 12.45 2.06 -15.65
C SER A 184 11.06 2.68 -15.85
N PHE A 185 10.06 1.87 -15.71
CA PHE A 185 8.65 2.31 -15.80
C PHE A 185 8.23 3.02 -14.50
N LEU A 186 7.84 4.27 -14.61
CA LEU A 186 7.52 5.11 -13.47
C LEU A 186 6.07 4.88 -13.07
N GLN A 187 5.87 4.36 -11.87
CA GLN A 187 4.54 4.17 -11.29
C GLN A 187 4.40 5.12 -10.12
N PHE A 188 3.43 6.02 -10.21
CA PHE A 188 3.18 6.95 -9.12
C PHE A 188 2.26 6.11 -8.24
N SER A 189 2.49 6.10 -6.94
CA SER A 189 1.66 5.22 -6.09
C SER A 189 1.67 5.65 -4.67
N ALA A 190 0.66 5.18 -3.92
CA ALA A 190 0.57 5.43 -2.47
C ALA A 190 1.61 4.62 -1.69
N MET A 193 9.22 -13.40 -11.54
CA MET A 193 8.35 -14.22 -12.40
C MET A 193 7.48 -13.41 -13.41
N ALA A 194 7.02 -12.20 -13.08
CA ALA A 194 6.32 -11.38 -14.10
C ALA A 194 7.34 -10.83 -15.13
N HIS A 195 6.89 -9.96 -16.03
CA HIS A 195 7.79 -9.28 -16.97
C HIS A 195 7.73 -7.78 -16.75
N SER A 196 8.82 -7.10 -17.07
CA SER A 196 8.80 -5.65 -17.08
C SER A 196 7.79 -5.25 -18.12
N PRO A 197 7.23 -4.04 -17.98
CA PRO A 197 6.41 -3.47 -19.04
C PRO A 197 7.18 -3.49 -20.34
N PRO A 198 6.50 -3.75 -21.48
CA PRO A 198 7.17 -3.64 -22.78
C PRO A 198 8.06 -2.40 -22.95
N GLY A 199 9.29 -2.62 -23.42
CA GLY A 199 10.27 -1.57 -23.63
C GLY A 199 10.93 -1.01 -22.37
N HIS A 200 10.74 -1.67 -21.23
CA HIS A 200 11.30 -1.28 -19.97
C HIS A 200 12.10 -2.45 -19.36
N HIS A 201 13.02 -2.12 -18.46
CA HIS A 201 13.83 -3.16 -17.77
C HIS A 201 13.58 -3.31 -16.28
N SER A 202 12.72 -2.47 -15.75
CA SER A 202 12.39 -2.41 -14.33
C SER A 202 11.15 -1.54 -14.12
N VAL A 203 10.67 -1.49 -12.88
CA VAL A 203 9.61 -0.60 -12.47
C VAL A 203 10.08 0.19 -11.25
N THR A 204 9.78 1.49 -11.22
CA THR A 204 10.02 2.39 -10.09
C THR A 204 8.71 2.72 -9.39
N GLY A 205 8.63 2.46 -8.10
CA GLY A 205 7.44 2.86 -7.31
C GLY A 205 7.77 4.20 -6.73
N ARG A 206 7.25 5.27 -7.31
CA ARG A 206 7.44 6.59 -6.75
C ARG A 206 6.47 6.86 -5.56
N PRO A 207 7.02 7.25 -4.44
CA PRO A 207 6.12 7.66 -3.35
C PRO A 207 5.19 8.83 -3.74
N SER A 208 3.84 8.69 -3.64
CA SER A 208 2.84 9.78 -3.99
C SER A 208 1.90 10.35 -2.88
N VAL A 209 2.05 9.91 -1.62
CA VAL A 209 1.35 10.56 -0.50
C VAL A 209 2.31 10.85 0.65
N ASN A 210 3.16 9.86 0.98
CA ASN A 210 4.10 10.00 2.07
C ASN A 210 5.30 10.73 1.52
N GLY A 211 5.25 12.03 1.82
CA GLY A 211 6.31 12.93 1.50
C GLY A 211 7.68 12.54 1.96
N LEU A 212 7.85 11.65 2.96
CA LEU A 212 9.24 11.33 3.37
C LEU A 212 9.80 10.00 2.83
N ALA A 213 8.96 9.22 2.20
CA ALA A 213 9.38 7.89 1.68
C ALA A 213 10.28 8.08 0.46
N LEU A 214 11.33 7.27 0.40
CA LEU A 214 12.12 7.16 -0.81
C LEU A 214 11.54 6.11 -1.75
N ALA A 215 12.05 6.06 -2.98
CA ALA A 215 11.57 5.16 -3.96
C ALA A 215 11.88 3.68 -3.67
N GLU A 216 11.04 2.82 -4.24
CA GLU A 216 11.20 1.39 -4.31
C GLU A 216 11.28 0.98 -5.77
N TYR A 217 11.93 -0.15 -6.01
CA TYR A 217 12.20 -0.58 -7.40
C TYR A 217 11.94 -2.09 -7.53
N VAL A 218 11.53 -2.54 -8.73
CA VAL A 218 11.32 -3.94 -8.97
C VAL A 218 12.01 -4.35 -10.25
N ILE A 219 12.73 -5.49 -10.22
CA ILE A 219 13.28 -6.09 -11.41
C ILE A 219 12.64 -7.44 -11.54
N TYR A 220 12.66 -7.94 -12.76
CA TYR A 220 12.00 -9.17 -13.09
C TYR A 220 12.96 -10.26 -13.58
N ARG A 221 14.26 -9.99 -13.53
CA ARG A 221 15.30 -10.96 -13.90
C ARG A 221 16.31 -10.90 -12.81
N GLY A 222 16.61 -12.05 -12.23
CA GLY A 222 17.59 -12.10 -11.14
C GLY A 222 18.98 -11.64 -11.49
N GLU A 223 19.34 -11.74 -12.77
CA GLU A 223 20.65 -11.32 -13.24
C GLU A 223 20.84 -9.81 -13.22
N GLN A 224 19.77 -9.04 -13.02
CA GLN A 224 19.87 -7.63 -12.91
C GLN A 224 20.27 -7.10 -11.53
N ALA A 225 20.64 -7.96 -10.58
CA ALA A 225 21.11 -7.49 -9.28
C ALA A 225 22.29 -8.37 -8.83
N TYR A 226 23.24 -7.76 -8.14
CA TYR A 226 24.35 -8.48 -7.50
C TYR A 226 24.35 -8.08 -6.01
N PRO A 227 24.33 -9.08 -5.10
CA PRO A 227 24.31 -8.83 -3.65
C PRO A 227 25.70 -8.48 -3.15
N GLU A 228 26.06 -7.22 -3.22
CA GLU A 228 27.43 -6.74 -3.00
CA GLU A 228 27.41 -6.82 -3.01
C GLU A 228 27.87 -6.76 -1.55
N TYR A 229 26.98 -6.33 -0.65
CA TYR A 229 27.32 -6.27 0.75
C TYR A 229 26.28 -6.98 1.61
N LEU A 230 26.78 -7.82 2.52
CA LEU A 230 25.96 -8.44 3.57
C LEU A 230 26.17 -7.67 4.88
N ILE A 231 25.09 -7.07 5.36
CA ILE A 231 25.14 -6.22 6.53
C ILE A 231 24.41 -6.94 7.68
N THR A 232 25.13 -7.19 8.76
CA THR A 232 24.58 -7.81 9.97
C THR A 232 24.39 -6.72 11.05
N TYR A 233 23.20 -6.67 11.62
CA TYR A 233 22.84 -5.57 12.49
C TYR A 233 21.76 -5.93 13.49
N GLN A 234 21.60 -5.05 14.47
CA GLN A 234 20.44 -5.00 15.31
C GLN A 234 19.70 -3.64 15.12
N ILE A 235 18.40 -3.65 15.23
CA ILE A 235 17.69 -2.38 15.41
C ILE A 235 17.89 -1.93 16.87
N MET A 236 17.98 -0.64 17.09
CA MET A 236 18.22 -0.11 18.44
C MET A 236 16.94 0.48 19.04
N ARG A 237 16.69 0.15 20.30
CA ARG A 237 15.51 0.66 21.01
C ARG A 237 15.67 2.16 21.20
N PRO A 238 14.71 2.96 20.74
CA PRO A 238 14.86 4.41 20.97
C PRO A 238 14.92 4.75 22.46
N GLU A 239 15.61 5.83 22.81
CA GLU A 239 15.75 6.16 24.23
C GLU A 239 14.53 6.93 24.64
N GLY B 30 -1.98 9.99 14.91
CA GLY B 30 -2.12 8.74 15.73
C GLY B 30 -2.59 7.52 14.92
N THR B 31 -2.66 7.67 13.61
CA THR B 31 -3.15 6.57 12.78
C THR B 31 -2.00 5.63 12.43
N ILE B 32 -2.27 4.35 12.50
CA ILE B 32 -1.39 3.26 12.15
C ILE B 32 -2.09 2.48 11.06
N LEU B 33 -1.36 2.09 10.00
CA LEU B 33 -1.91 1.19 8.96
C LEU B 33 -1.23 -0.17 8.96
N ILE B 34 -2.01 -1.23 9.09
CA ILE B 34 -1.49 -2.59 9.14
C ILE B 34 -1.90 -3.37 7.92
N ASP B 35 -0.93 -3.85 7.15
CA ASP B 35 -1.22 -4.65 5.97
C ASP B 35 -1.87 -5.93 6.30
N LEU B 36 -2.91 -6.29 5.57
CA LEU B 36 -3.47 -7.62 5.68
C LEU B 36 -2.83 -8.52 4.63
N SER B 37 -2.57 -9.78 5.02
CA SER B 37 -2.06 -10.75 4.06
C SER B 37 -3.15 -11.19 3.14
N PRO B 38 -2.86 -11.41 1.86
CA PRO B 38 -3.84 -12.04 0.96
C PRO B 38 -4.34 -13.42 1.38
N ASP B 39 -3.55 -14.08 2.23
CA ASP B 39 -3.95 -15.40 2.73
C ASP B 39 -4.84 -15.32 3.94
N ASP B 40 -5.05 -14.12 4.47
CA ASP B 40 -5.93 -13.86 5.61
C ASP B 40 -7.41 -13.87 5.12
N LYS B 41 -8.27 -14.57 5.84
CA LYS B 41 -9.71 -14.52 5.57
C LYS B 41 -10.29 -13.10 5.53
N GLU B 42 -9.78 -12.24 6.40
CA GLU B 42 -10.23 -10.84 6.44
C GLU B 42 -9.95 -10.09 5.14
N PHE B 43 -8.76 -10.24 4.60
CA PHE B 43 -8.43 -9.68 3.30
C PHE B 43 -9.38 -10.21 2.26
N GLN B 44 -9.54 -11.51 2.24
CA GLN B 44 -10.41 -12.16 1.27
C GLN B 44 -11.88 -11.70 1.32
N SER B 45 -12.39 -11.44 2.52
CA SER B 45 -13.77 -11.00 2.64
CA SER B 45 -13.76 -10.99 2.67
C SER B 45 -13.91 -9.57 2.09
N VAL B 46 -12.94 -8.72 2.38
CA VAL B 46 -12.98 -7.36 1.90
C VAL B 46 -12.84 -7.31 0.38
N GLU B 47 -11.89 -8.06 -0.17
CA GLU B 47 -11.79 -8.18 -1.61
C GLU B 47 -13.12 -8.65 -2.24
N GLU B 48 -13.75 -9.67 -1.65
CA GLU B 48 -14.99 -10.18 -2.27
C GLU B 48 -16.11 -9.14 -2.19
N GLU B 49 -16.16 -8.37 -1.10
CA GLU B 49 -17.17 -7.30 -1.00
C GLU B 49 -16.90 -6.25 -2.09
N MET B 50 -15.63 -5.93 -2.31
CA MET B 50 -15.28 -5.04 -3.38
C MET B 50 -15.68 -5.57 -4.80
N GLN B 51 -15.24 -6.77 -5.13
CA GLN B 51 -15.45 -7.34 -6.45
C GLN B 51 -16.93 -7.65 -6.76
N SER B 52 -17.64 -8.12 -5.74
CA SER B 52 -19.01 -8.60 -5.93
C SER B 52 -19.99 -7.43 -6.03
N THR B 53 -19.59 -6.21 -5.67
CA THR B 53 -20.49 -5.07 -5.73
C THR B 53 -20.15 -4.10 -6.86
N VAL B 54 -19.38 -4.56 -7.84
CA VAL B 54 -19.16 -3.77 -9.06
C VAL B 54 -20.45 -3.90 -9.85
N ARG B 55 -20.93 -2.81 -10.42
CA ARG B 55 -22.01 -2.85 -11.38
C ARG B 55 -21.73 -1.94 -12.56
N GLU B 56 -22.59 -2.01 -13.56
CA GLU B 56 -22.59 -1.07 -14.68
C GLU B 56 -23.21 0.22 -14.27
N HIS B 57 -22.68 1.31 -14.83
CA HIS B 57 -23.13 2.64 -14.51
C HIS B 57 -23.74 3.28 -15.74
N ARG B 58 -24.74 4.12 -15.52
CA ARG B 58 -25.53 4.71 -16.61
C ARG B 58 -24.72 5.73 -17.40
N ASP B 59 -23.56 6.16 -16.90
CA ASP B 59 -22.70 7.07 -17.63
C ASP B 59 -21.74 6.38 -18.59
N GLY B 60 -21.94 5.09 -18.80
CA GLY B 60 -21.09 4.28 -19.69
C GLY B 60 -19.63 4.16 -19.22
N GLY B 61 -19.34 4.48 -17.96
CA GLY B 61 -17.93 4.55 -17.51
C GLY B 61 -17.32 5.93 -17.46
N HIS B 62 -18.10 6.95 -17.79
CA HIS B 62 -17.54 8.29 -17.85
C HIS B 62 -16.77 8.73 -16.61
N ALA B 63 -17.39 8.60 -15.45
CA ALA B 63 -16.81 9.09 -14.23
C ALA B 63 -15.75 8.14 -13.66
N GLY B 64 -16.06 6.87 -13.60
CA GLY B 64 -15.19 5.88 -12.91
C GLY B 64 -14.29 5.02 -13.76
N GLY B 65 -14.54 5.01 -15.07
CA GLY B 65 -13.92 4.08 -15.99
C GLY B 65 -14.74 2.87 -16.39
N ILE B 66 -14.21 2.14 -17.38
CA ILE B 66 -14.82 0.95 -17.90
C ILE B 66 -14.11 -0.25 -17.30
N PHE B 67 -14.87 -1.04 -16.55
CA PHE B 67 -14.33 -2.24 -15.89
C PHE B 67 -15.42 -3.10 -15.33
N ASN B 68 -15.12 -4.38 -15.17
CA ASN B 68 -15.97 -5.31 -14.53
C ASN B 68 -15.43 -5.82 -13.20
N ARG B 69 -14.15 -5.56 -12.95
CA ARG B 69 -13.49 -6.09 -11.77
C ARG B 69 -12.24 -5.28 -11.49
N TYR B 70 -11.69 -5.45 -10.28
CA TYR B 70 -10.49 -4.76 -9.85
C TYR B 70 -9.29 -5.72 -9.71
N ASN B 71 -8.10 -5.14 -9.78
CA ASN B 71 -6.85 -5.75 -9.24
C ASN B 71 -6.60 -5.13 -7.86
N ILE B 72 -6.84 -5.87 -6.78
CA ILE B 72 -6.61 -5.35 -5.43
C ILE B 72 -5.09 -5.49 -5.18
N LEU B 73 -4.43 -4.38 -4.89
CA LEU B 73 -3.00 -4.35 -4.65
C LEU B 73 -2.66 -4.46 -3.17
N LYS B 74 -3.52 -3.91 -2.31
CA LYS B 74 -3.26 -3.88 -0.89
C LYS B 74 -4.55 -3.55 -0.11
N ILE B 75 -4.68 -4.16 1.04
CA ILE B 75 -5.74 -3.83 1.99
C ILE B 75 -5.09 -3.61 3.35
N GLN B 76 -5.26 -2.43 3.89
CA GLN B 76 -4.73 -2.08 5.20
C GLN B 76 -5.83 -1.78 6.21
N LYS B 77 -5.65 -2.32 7.40
CA LYS B 77 -6.45 -1.95 8.56
C LYS B 77 -6.02 -0.61 9.13
N VAL B 78 -6.99 0.29 9.34
CA VAL B 78 -6.72 1.64 9.81
C VAL B 78 -7.00 1.66 11.31
N CYS B 79 -6.02 2.09 12.11
CA CYS B 79 -6.15 2.05 13.57
C CYS B 79 -5.84 3.41 14.11
N ASN B 80 -6.80 3.97 14.84
CA ASN B 80 -6.61 5.27 15.46
C ASN B 80 -7.52 5.27 16.67
N LYS B 81 -6.90 5.15 17.85
CA LYS B 81 -7.64 5.01 19.10
C LYS B 81 -8.55 6.22 19.36
N LYS B 82 -8.04 7.43 19.20
CA LYS B 82 -8.88 8.63 19.37
C LYS B 82 -10.07 8.70 18.38
N LEU B 83 -9.87 8.35 17.10
CA LEU B 83 -11.00 8.38 16.15
C LEU B 83 -11.97 7.27 16.45
N TRP B 84 -11.45 6.14 16.92
CA TRP B 84 -12.30 5.02 17.26
C TRP B 84 -13.23 5.40 18.44
N GLU B 85 -12.63 6.01 19.47
CA GLU B 85 -13.38 6.46 20.64
C GLU B 85 -14.44 7.50 20.28
N ARG B 86 -14.09 8.44 19.43
CA ARG B 86 -15.02 9.43 18.92
C ARG B 86 -16.20 8.73 18.21
N TYR B 87 -15.89 7.75 17.35
CA TYR B 87 -16.92 6.94 16.68
C TYR B 87 -17.80 6.14 17.69
N THR B 88 -17.22 5.40 18.62
CA THR B 88 -18.02 4.57 19.53
C THR B 88 -18.87 5.39 20.52
N HIS B 89 -18.42 6.60 20.87
CA HIS B 89 -19.22 7.50 21.70
C HIS B 89 -20.46 7.97 20.96
N ARG B 90 -20.28 8.36 19.70
CA ARG B 90 -21.43 8.75 18.87
C ARG B 90 -22.34 7.57 18.59
N ARG B 91 -21.79 6.39 18.39
CA ARG B 91 -22.58 5.19 18.15
C ARG B 91 -23.52 4.87 19.32
N LYS B 92 -22.97 5.00 20.54
CA LYS B 92 -23.75 4.78 21.75
C LYS B 92 -24.88 5.80 21.85
N GLU B 93 -24.62 7.06 21.57
CA GLU B 93 -25.70 8.09 21.57
C GLU B 93 -26.80 7.77 20.59
N VAL B 94 -26.39 7.38 19.37
CA VAL B 94 -27.33 7.08 18.29
C VAL B 94 -28.13 5.83 18.63
N SER B 95 -27.43 4.81 19.09
CA SER B 95 -28.06 3.59 19.48
C SER B 95 -29.15 3.81 20.58
N GLU B 96 -28.83 4.66 21.57
CA GLU B 96 -29.76 4.93 22.68
C GLU B 96 -30.96 5.69 22.17
N GLU B 97 -30.75 6.66 21.29
CA GLU B 97 -31.83 7.42 20.69
C GLU B 97 -32.71 6.54 19.82
N ASN B 98 -32.12 5.51 19.20
CA ASN B 98 -32.85 4.63 18.31
C ASN B 98 -33.20 3.32 18.99
N HIS B 99 -33.45 3.38 20.30
CA HIS B 99 -33.97 2.25 21.07
C HIS B 99 -33.10 1.02 21.01
N ASN B 100 -31.81 1.29 21.26
CA ASN B 100 -30.75 0.31 21.36
C ASN B 100 -30.47 -0.43 20.03
N HIS B 101 -30.46 0.33 18.94
CA HIS B 101 -30.13 -0.18 17.61
C HIS B 101 -29.27 0.84 16.87
N ALA B 102 -27.98 0.57 16.78
CA ALA B 102 -27.04 1.47 16.06
C ALA B 102 -27.28 1.43 14.55
N ASN B 103 -27.77 0.31 14.05
CA ASN B 103 -27.99 0.13 12.61
C ASN B 103 -26.66 0.35 11.87
N GLU B 104 -25.65 -0.40 12.31
CA GLU B 104 -24.30 -0.20 11.81
C GLU B 104 -24.02 -1.05 10.58
N ARG B 105 -23.40 -0.43 9.56
CA ARG B 105 -23.13 -1.08 8.28
C ARG B 105 -21.65 -0.97 7.94
N MET B 106 -21.21 -1.76 6.97
CA MET B 106 -19.88 -1.57 6.34
C MET B 106 -20.18 -1.12 4.91
N LEU B 107 -19.68 0.07 4.57
CA LEU B 107 -19.97 0.76 3.34
C LEU B 107 -18.73 1.37 2.73
N PHE B 108 -18.69 1.44 1.40
CA PHE B 108 -17.60 2.11 0.69
C PHE B 108 -17.67 3.65 0.70
N HIS B 109 -16.49 4.27 0.67
CA HIS B 109 -16.39 5.71 0.48
C HIS B 109 -15.24 6.02 -0.47
N GLY B 110 -15.52 6.82 -1.49
CA GLY B 110 -14.53 7.22 -2.49
C GLY B 110 -14.32 8.72 -2.38
N SER B 111 -13.06 9.16 -2.35
CA SER B 111 -12.77 10.58 -2.22
C SER B 111 -11.31 10.89 -2.54
N PRO B 112 -11.04 12.06 -3.10
CA PRO B 112 -9.64 12.51 -3.19
C PRO B 112 -9.01 12.89 -1.84
N PHE B 113 -9.77 12.89 -0.75
CA PHE B 113 -9.25 13.26 0.56
C PHE B 113 -9.00 12.07 1.49
N VAL B 114 -8.85 10.88 0.93
CA VAL B 114 -8.70 9.66 1.74
C VAL B 114 -7.52 9.79 2.74
N ASN B 115 -6.43 10.44 2.34
CA ASN B 115 -5.27 10.59 3.24
C ASN B 115 -5.61 11.45 4.46
N ALA B 116 -6.34 12.53 4.25
CA ALA B 116 -6.82 13.33 5.35
C ALA B 116 -7.84 12.59 6.23
N ILE B 117 -8.76 11.84 5.62
CA ILE B 117 -9.76 11.12 6.39
C ILE B 117 -9.14 10.13 7.36
N ILE B 118 -8.19 9.35 6.88
CA ILE B 118 -7.61 8.34 7.75
C ILE B 118 -6.81 8.90 8.93
N HIS B 119 -6.30 10.12 8.78
CA HIS B 119 -5.49 10.74 9.84
C HIS B 119 -6.33 11.59 10.76
N LYS B 120 -7.30 12.30 10.20
CA LYS B 120 -8.09 13.28 10.95
C LYS B 120 -9.55 12.91 11.13
N GLY B 121 -10.02 11.85 10.48
CA GLY B 121 -11.42 11.44 10.62
C GLY B 121 -12.28 12.16 9.61
N PHE B 122 -13.53 11.74 9.47
CA PHE B 122 -14.48 12.46 8.63
C PHE B 122 -14.96 13.72 9.36
N ASP B 123 -15.20 14.76 8.58
CA ASP B 123 -15.82 16.00 9.08
C ASP B 123 -16.45 16.74 7.88
N GLU B 124 -17.03 17.91 8.14
CA GLU B 124 -17.72 18.67 7.07
C GLU B 124 -16.90 18.90 5.78
N ARG B 125 -15.57 18.97 5.87
CA ARG B 125 -14.76 19.09 4.64
C ARG B 125 -14.96 17.91 3.70
N HIS B 126 -15.38 16.76 4.23
CA HIS B 126 -15.59 15.54 3.40
C HIS B 126 -17.04 15.37 2.90
N ALA B 127 -17.86 16.40 3.16
CA ALA B 127 -19.24 16.44 2.72
C ALA B 127 -19.30 16.79 1.25
N TYR B 128 -20.36 16.31 0.61
CA TYR B 128 -20.61 16.60 -0.77
C TYR B 128 -21.80 17.53 -0.75
N ILE B 129 -21.50 18.83 -0.88
CA ILE B 129 -22.53 19.88 -0.67
C ILE B 129 -23.67 19.70 -1.67
N GLY B 130 -23.36 19.30 -2.89
CA GLY B 130 -24.37 19.21 -3.95
C GLY B 130 -24.98 17.83 -4.10
N GLY B 131 -24.82 16.98 -3.09
CA GLY B 131 -25.41 15.67 -3.16
C GLY B 131 -26.93 15.71 -3.29
N MET B 132 -27.47 14.69 -3.93
CA MET B 132 -28.90 14.66 -4.12
C MET B 132 -29.74 14.23 -2.90
N PHE B 133 -29.10 13.88 -1.80
CA PHE B 133 -29.75 13.78 -0.49
C PHE B 133 -29.23 14.84 0.46
N GLY B 134 -28.78 15.97 -0.09
CA GLY B 134 -28.29 17.10 0.71
C GLY B 134 -26.82 17.03 1.11
N ALA B 135 -26.36 18.07 1.81
CA ALA B 135 -24.94 18.25 2.15
C ALA B 135 -24.53 17.37 3.31
N GLY B 136 -24.02 16.19 3.01
CA GLY B 136 -23.60 15.29 4.09
C GLY B 136 -22.49 14.40 3.55
N ILE B 137 -22.17 13.37 4.26
CA ILE B 137 -21.07 12.52 3.84
C ILE B 137 -21.71 11.24 3.27
N TYR B 138 -21.35 10.89 2.05
CA TYR B 138 -21.98 9.84 1.25
C TYR B 138 -21.18 8.55 1.26
N PHE B 139 -21.89 7.42 1.32
CA PHE B 139 -21.33 6.09 1.35
C PHE B 139 -22.14 5.26 0.38
N ALA B 140 -21.57 4.18 -0.13
CA ALA B 140 -22.24 3.35 -1.11
C ALA B 140 -22.09 1.86 -0.80
N GLU B 141 -23.13 1.08 -1.09
CA GLU B 141 -23.03 -0.36 -1.14
C GLU B 141 -22.27 -0.87 -2.36
N ASN B 142 -22.39 -0.21 -3.51
CA ASN B 142 -21.63 -0.63 -4.69
C ASN B 142 -20.25 0.00 -4.64
N SER B 143 -19.21 -0.84 -4.64
CA SER B 143 -17.86 -0.32 -4.69
C SER B 143 -17.61 0.56 -5.90
N SER B 144 -18.24 0.24 -7.03
CA SER B 144 -18.05 0.96 -8.28
C SER B 144 -18.71 2.32 -8.23
N LYS B 145 -19.67 2.54 -7.34
CA LYS B 145 -20.28 3.88 -7.15
C LYS B 145 -19.21 4.75 -6.44
N SER B 146 -18.66 4.24 -5.35
CA SER B 146 -17.57 4.95 -4.66
C SER B 146 -16.38 5.19 -5.62
N ASN B 147 -16.05 4.25 -6.50
CA ASN B 147 -14.95 4.45 -7.48
C ASN B 147 -15.16 5.66 -8.39
N GLN B 148 -16.42 6.00 -8.69
CA GLN B 148 -16.72 7.24 -9.42
C GLN B 148 -16.28 8.56 -8.76
N TYR B 149 -15.94 8.54 -7.46
CA TYR B 149 -15.64 9.74 -6.70
C TYR B 149 -14.15 9.84 -6.28
N VAL B 150 -13.36 8.82 -6.59
CA VAL B 150 -11.96 8.77 -6.15
C VAL B 150 -11.13 9.92 -6.68
N TYR B 151 -11.44 10.36 -7.89
CA TYR B 151 -10.73 11.46 -8.52
C TYR B 151 -11.52 12.77 -8.48
N GLY B 152 -12.60 12.77 -7.68
CA GLY B 152 -13.43 13.97 -7.44
C GLY B 152 -14.87 13.77 -7.91
N ILE B 153 -15.73 14.77 -7.71
CA ILE B 153 -17.11 14.73 -8.23
C ILE B 153 -17.11 14.44 -9.73
N GLY B 154 -17.89 13.44 -10.17
CA GLY B 154 -17.97 13.08 -11.57
C GLY B 154 -16.67 12.52 -12.13
N GLY B 155 -15.79 12.04 -11.23
CA GLY B 155 -14.45 11.58 -11.58
C GLY B 155 -13.39 12.68 -11.80
N GLY B 156 -13.76 13.94 -11.55
CA GLY B 156 -12.92 15.10 -11.80
C GLY B 156 -12.36 15.07 -13.20
N THR B 157 -11.04 15.22 -13.31
CA THR B 157 -10.34 15.11 -14.59
C THR B 157 -9.52 13.79 -14.70
N GLY B 158 -9.85 12.83 -13.83
CA GLY B 158 -9.22 11.50 -13.81
C GLY B 158 -7.90 11.46 -13.06
N CYS B 159 -7.06 10.51 -13.40
CA CYS B 159 -5.82 10.36 -12.66
C CYS B 159 -4.94 11.58 -12.87
N PRO B 160 -4.10 11.92 -11.86
CA PRO B 160 -3.22 13.10 -12.02
C PRO B 160 -2.20 12.91 -13.14
N VAL B 161 -1.74 11.70 -13.35
CA VAL B 161 -0.62 11.47 -14.27
C VAL B 161 -1.07 11.48 -15.72
N HIS B 162 -2.21 10.87 -16.00
CA HIS B 162 -2.69 10.77 -17.36
C HIS B 162 -3.99 11.55 -17.65
N LYS B 163 -4.60 12.19 -16.64
CA LYS B 163 -5.92 12.81 -16.82
C LYS B 163 -6.92 11.88 -17.52
N ASP B 164 -6.97 10.63 -17.07
CA ASP B 164 -7.79 9.58 -17.64
C ASP B 164 -8.70 9.03 -16.53
N ARG B 165 -10.02 9.23 -16.65
CA ARG B 165 -10.95 8.73 -15.64
C ARG B 165 -11.04 7.20 -15.68
N SER B 166 -10.65 6.61 -16.83
CA SER B 166 -10.59 5.16 -16.97
C SER B 166 -9.15 4.61 -16.96
N CYS B 167 -8.24 5.32 -16.29
CA CYS B 167 -6.82 4.85 -16.21
C CYS B 167 -6.72 3.47 -15.62
N TYR B 168 -6.04 2.58 -16.34
CA TYR B 168 -5.81 1.20 -15.90
C TYR B 168 -4.40 1.02 -15.30
N ILE B 169 -3.65 2.10 -15.27
CA ILE B 169 -2.24 2.08 -14.78
C ILE B 169 -2.14 2.55 -13.36
N CYS B 170 -2.70 3.71 -13.10
CA CYS B 170 -2.53 4.37 -11.82
C CYS B 170 -3.33 3.71 -10.69
N HIS B 171 -2.69 3.67 -9.53
CA HIS B 171 -3.27 3.08 -8.31
C HIS B 171 -4.31 4.02 -7.69
N ARG B 172 -5.49 3.47 -7.37
CA ARG B 172 -6.57 4.15 -6.70
C ARG B 172 -6.70 3.64 -5.27
N GLN B 173 -7.32 4.44 -4.41
CA GLN B 173 -7.62 4.00 -3.08
C GLN B 173 -9.09 4.28 -2.73
N LEU B 174 -9.78 3.34 -2.07
CA LEU B 174 -11.16 3.51 -1.57
C LEU B 174 -11.06 3.20 -0.09
N LEU B 175 -12.02 3.69 0.69
CA LEU B 175 -12.19 3.25 2.07
C LEU B 175 -13.37 2.33 2.19
N PHE B 176 -13.24 1.37 3.11
CA PHE B 176 -14.39 0.53 3.45
C PHE B 176 -14.58 0.81 4.94
N CYS B 177 -15.76 1.33 5.28
CA CYS B 177 -15.97 2.09 6.51
C CYS B 177 -17.10 1.52 7.37
N ARG B 178 -16.92 1.61 8.69
CA ARG B 178 -17.97 1.30 9.64
C ARG B 178 -18.85 2.56 9.80
N VAL B 179 -20.15 2.45 9.49
CA VAL B 179 -21.04 3.60 9.44
C VAL B 179 -22.29 3.35 10.31
N THR B 180 -22.55 4.27 11.24
CA THR B 180 -23.72 4.17 12.13
C THR B 180 -24.87 4.91 11.48
N LEU B 181 -25.89 4.18 11.08
CA LEU B 181 -27.05 4.83 10.38
C LEU B 181 -28.19 5.27 11.31
N GLY B 182 -28.36 4.61 12.43
CA GLY B 182 -29.42 4.93 13.36
C GLY B 182 -30.77 4.76 12.66
N LYS B 183 -31.68 5.69 12.95
CA LYS B 183 -32.97 5.69 12.28
C LYS B 183 -32.75 6.38 10.98
N SER B 184 -32.84 5.65 9.87
CA SER B 184 -32.47 6.18 8.59
C SER B 184 -33.73 6.55 7.80
N PHE B 185 -33.74 7.75 7.23
CA PHE B 185 -34.89 8.21 6.43
C PHE B 185 -34.80 7.56 5.06
N LEU B 186 -35.79 6.76 4.70
CA LEU B 186 -35.81 6.17 3.37
C LEU B 186 -36.24 7.16 2.29
N GLN B 187 -35.33 7.46 1.37
CA GLN B 187 -35.59 8.33 0.24
C GLN B 187 -35.45 7.51 -1.02
N PHE B 188 -36.53 7.34 -1.78
CA PHE B 188 -36.41 6.66 -3.04
C PHE B 188 -35.85 7.64 -4.06
N SER B 189 -35.02 7.15 -4.95
CA SER B 189 -34.29 8.01 -5.85
C SER B 189 -34.66 7.59 -7.25
N ALA B 190 -34.78 8.56 -8.15
CA ALA B 190 -35.22 8.28 -9.52
C ALA B 190 -34.09 7.65 -10.35
N MET B 191 -32.90 7.54 -9.78
CA MET B 191 -31.83 6.73 -10.36
C MET B 191 -32.23 5.24 -10.21
N ALA B 194 -25.76 19.96 6.11
CA ALA B 194 -27.20 19.84 6.34
C ALA B 194 -27.38 19.04 7.62
N HIS B 195 -28.62 18.90 8.05
CA HIS B 195 -28.94 18.10 9.22
C HIS B 195 -29.77 16.92 8.75
N SER B 196 -29.78 15.86 9.55
CA SER B 196 -30.64 14.73 9.27
C SER B 196 -32.05 15.25 9.36
N PRO B 197 -32.98 14.57 8.67
CA PRO B 197 -34.41 14.80 8.85
C PRO B 197 -34.75 14.66 10.33
N PRO B 198 -35.68 15.51 10.84
CA PRO B 198 -35.99 15.41 12.27
C PRO B 198 -36.31 14.01 12.71
N GLY B 199 -35.72 13.58 13.81
CA GLY B 199 -35.97 12.26 14.35
C GLY B 199 -35.17 11.16 13.66
N HIS B 200 -34.29 11.55 12.73
CA HIS B 200 -33.47 10.55 11.98
C HIS B 200 -31.97 10.85 12.16
N HIS B 201 -31.15 9.82 11.90
CA HIS B 201 -29.68 9.91 12.03
C HIS B 201 -28.91 9.79 10.70
N SER B 202 -29.62 9.53 9.63
CA SER B 202 -29.04 9.33 8.32
C SER B 202 -30.15 9.30 7.31
N VAL B 203 -29.77 9.29 6.04
CA VAL B 203 -30.68 9.12 4.94
C VAL B 203 -30.22 7.96 4.06
N THR B 204 -31.18 7.11 3.68
CA THR B 204 -30.94 5.99 2.78
C THR B 204 -31.48 6.37 1.41
N GLY B 205 -30.59 6.49 0.45
CA GLY B 205 -30.93 6.85 -0.91
C GLY B 205 -31.04 5.59 -1.73
N ARG B 206 -32.25 5.18 -2.05
CA ARG B 206 -32.46 3.88 -2.68
C ARG B 206 -32.92 4.00 -4.12
N PRO B 207 -32.10 3.53 -5.07
CA PRO B 207 -32.48 3.69 -6.47
C PRO B 207 -33.79 2.96 -6.76
N SER B 208 -34.72 3.63 -7.43
CA SER B 208 -36.00 3.02 -7.74
C SER B 208 -36.14 2.61 -9.23
N VAL B 209 -35.27 3.06 -10.13
CA VAL B 209 -35.36 2.64 -11.56
C VAL B 209 -34.36 1.54 -11.97
N ASN B 210 -33.08 1.72 -11.67
CA ASN B 210 -32.10 0.64 -11.92
C ASN B 210 -32.15 -0.40 -10.81
N GLY B 211 -32.76 -1.53 -11.10
CA GLY B 211 -33.00 -2.51 -10.05
C GLY B 211 -31.73 -3.26 -9.65
N LEU B 212 -30.61 -3.04 -10.36
CA LEU B 212 -29.33 -3.65 -9.97
C LEU B 212 -28.50 -2.69 -9.15
N ALA B 213 -28.93 -1.43 -9.05
CA ALA B 213 -28.16 -0.43 -8.32
C ALA B 213 -28.49 -0.56 -6.84
N LEU B 214 -27.43 -0.69 -6.04
CA LEU B 214 -27.58 -0.75 -4.59
C LEU B 214 -27.72 0.65 -3.97
N ALA B 215 -27.94 0.69 -2.66
CA ALA B 215 -28.24 1.96 -1.97
C ALA B 215 -27.00 2.81 -1.72
N GLU B 216 -27.26 4.13 -1.61
CA GLU B 216 -26.35 5.10 -1.08
C GLU B 216 -26.89 5.58 0.26
N TYR B 217 -25.98 6.00 1.14
CA TYR B 217 -26.34 6.46 2.47
C TYR B 217 -25.61 7.74 2.76
N VAL B 218 -26.27 8.61 3.56
CA VAL B 218 -25.75 9.91 3.91
C VAL B 218 -25.84 10.10 5.39
N ILE B 219 -24.71 10.56 5.97
CA ILE B 219 -24.66 10.96 7.34
C ILE B 219 -24.30 12.44 7.41
N TYR B 220 -24.65 13.08 8.50
CA TYR B 220 -24.45 14.52 8.63
C TYR B 220 -23.55 14.87 9.80
N ARG B 221 -22.94 13.85 10.39
CA ARG B 221 -21.98 14.02 11.47
C ARG B 221 -20.79 13.13 11.11
N GLY B 222 -19.57 13.67 11.10
CA GLY B 222 -18.39 12.84 10.76
C GLY B 222 -18.09 11.74 11.76
N GLU B 223 -18.55 11.93 13.00
CA GLU B 223 -18.38 10.93 14.02
C GLU B 223 -19.19 9.66 13.85
N GLN B 224 -20.15 9.63 12.92
CA GLN B 224 -20.92 8.42 12.62
C GLN B 224 -20.26 7.50 11.60
N ALA B 225 -18.99 7.74 11.26
CA ALA B 225 -18.25 6.78 10.39
C ALA B 225 -16.79 6.60 10.85
N TYR B 226 -16.26 5.39 10.69
CA TYR B 226 -14.89 5.11 11.02
C TYR B 226 -14.27 4.41 9.81
N PRO B 227 -13.14 4.95 9.28
CA PRO B 227 -12.52 4.42 8.08
C PRO B 227 -11.71 3.20 8.41
N GLU B 228 -12.32 2.05 8.40
CA GLU B 228 -11.70 0.85 8.93
C GLU B 228 -10.67 0.19 8.02
N TYR B 229 -10.89 0.22 6.70
CA TYR B 229 -9.99 -0.40 5.73
C TYR B 229 -9.65 0.57 4.61
N LEU B 230 -8.37 0.60 4.24
CA LEU B 230 -7.88 1.38 3.12
C LEU B 230 -7.46 0.40 2.04
N ILE B 231 -8.09 0.49 0.88
CA ILE B 231 -7.95 -0.48 -0.18
C ILE B 231 -7.27 0.21 -1.33
N THR B 232 -6.15 -0.35 -1.77
CA THR B 232 -5.39 0.15 -2.91
C THR B 232 -5.58 -0.82 -4.07
N TYR B 233 -5.91 -0.27 -5.25
CA TYR B 233 -6.38 -1.05 -6.38
C TYR B 233 -6.22 -0.38 -7.75
N GLN B 234 -6.35 -1.18 -8.78
CA GLN B 234 -6.51 -0.72 -10.14
C GLN B 234 -7.84 -1.23 -10.68
N ILE B 235 -8.49 -0.45 -11.53
CA ILE B 235 -9.58 -1.00 -12.31
C ILE B 235 -8.91 -1.80 -13.44
N MET B 236 -9.56 -2.88 -13.87
CA MET B 236 -9.04 -3.78 -14.90
C MET B 236 -9.79 -3.59 -16.25
N ARG B 237 -9.00 -3.48 -17.33
CA ARG B 237 -9.57 -3.39 -18.68
C ARG B 237 -10.26 -4.67 -19.07
N PRO B 238 -11.57 -4.61 -19.46
CA PRO B 238 -12.22 -5.88 -19.79
C PRO B 238 -11.58 -6.60 -20.98
N GLU B 239 -11.58 -7.93 -20.93
CA GLU B 239 -11.33 -8.75 -22.16
C GLU B 239 -12.71 -8.98 -22.75
ZN ZN C . 14.75 -12.19 18.97
CAA NNL D . 7.96 -5.13 -1.17
CL NNL D . 7.91 -15.51 0.60
CAC NNL D . 9.57 -13.71 -0.69
CAD NNL D . 9.31 -13.43 1.71
CAE NNL D . 10.44 -12.58 -0.73
CAF NNL D . 10.14 -12.31 1.66
CAG NNL D . 12.52 -3.83 -0.23
CAH NNL D . 9.85 -6.76 -0.52
CAI NNL D . 10.85 -9.41 -0.02
CAJ NNL D . 11.64 -10.64 0.49
NAK NNL D . 13.60 -4.55 0.13
NAL NNL D . 13.34 -5.75 0.21
NAM NNL D . 10.32 -4.48 -0.69
NAN NNL D . 11.66 -8.18 0.08
CAO NNL D . 9.00 -14.13 0.52
CAP NNL D . 9.43 -5.47 -0.78
CAQ NNL D . 10.72 -11.88 0.44
CAR NNL D . 11.21 -6.98 -0.16
CAS NNL D . 12.07 -5.91 -0.09
NAT NNL D . 11.53 -4.64 -0.39
S SO4 E . 5.31 2.41 4.73
O1 SO4 E . 5.63 2.97 3.42
O2 SO4 E . 5.56 3.58 5.56
O3 SO4 E . 3.94 2.03 4.49
O4 SO4 E . 6.19 1.31 4.88
S SO4 F . 17.65 7.10 19.47
O1 SO4 F . 18.49 8.15 18.91
O2 SO4 F . 17.47 7.23 20.92
O3 SO4 F . 16.32 7.31 18.92
O4 SO4 F . 18.16 5.77 19.10
NA NA G . 12.34 -8.02 -17.82
ZN ZN H . -3.10 7.26 -14.86
CAA NNL I . -22.79 10.50 -4.09
CL NNL I . -15.07 18.23 -3.46
CAC NNL I . -16.24 16.23 -1.96
CAD NNL I . -14.88 15.53 -3.88
CAE NNL I . -16.51 14.88 -1.67
CAF NNL I . -15.19 14.17 -3.59
CAG NNL I . -20.00 6.73 -2.47
CAH NNL I . -20.37 10.75 -3.09
CAI NNL I . -17.84 12.16 -2.23
CAJ NNL I . -16.31 12.37 -2.16
NAK NNL I . -18.77 6.74 -1.96
NAL NNL I . -18.32 7.88 -1.91
NAM NNL I . -21.35 8.54 -3.24
NAN NNL I . -18.10 10.70 -2.12
CAO NNL I . -15.42 16.55 -3.07
CAP NNL I . -21.47 9.91 -3.45
CAQ NNL I . -15.99 13.85 -2.48
CAR NNL I . -19.22 10.10 -2.53
CAS NNL I . -19.22 8.72 -2.39
NAT NNL I . -20.34 7.99 -2.76
S SO4 J . -25.24 5.46 -12.05
O1 SO4 J . -25.80 6.69 -12.56
O2 SO4 J . -24.01 5.59 -11.35
O3 SO4 J . -26.20 5.23 -11.00
O4 SO4 J . -25.47 4.26 -12.84
S SO4 K . -13.19 -9.07 -17.63
O1 SO4 K . -14.37 -8.38 -18.07
O2 SO4 K . -12.23 -8.18 -16.92
O3 SO4 K . -13.59 -10.11 -16.71
O4 SO4 K . -12.56 -9.54 -18.88
NA NA L . -27.55 14.45 12.36
#